data_3FRZ
#
_entry.id   3FRZ
#
_cell.length_a   83.200
_cell.length_b   83.200
_cell.length_c   180.263
_cell.angle_alpha   90.00
_cell.angle_beta   90.00
_cell.angle_gamma   90.00
#
_symmetry.space_group_name_H-M   'P 41 21 2'
#
loop_
_entity.id
_entity.type
_entity.pdbx_description
1 polymer 'RNA-directed RNA polymerase'
2 non-polymer (6R)-6-cyclopentyl-6-[2-(2,6-diethylpyridin-4-yl)ethyl]-3-[(5,7-dimethyl[1,2,4]triazolo[1,5-a]pyrimidin-2-yl)methyl]-4-hydroxy-5,6-dihydro-2H-pyran-2-one
3 non-polymer N-[(benzyloxy)carbonyl]-L-alpha-glutamyl-N-[(1S)-4-oxo-4-phenyl-1-propylbut-2-en-1-yl]-L-phenylalaninamide
4 non-polymer BETA-MERCAPTOETHANOL
5 water water
#
_entity_poly.entity_id   1
_entity_poly.type   'polypeptide(L)'
_entity_poly.pdbx_seq_one_letter_code
;SMSYTWTGALITPCAAEESKLPINALSNSLLRHHNMVYATTSRSAGQRQKKVTFDRLQDLDDHYRDVLKEMKAKASTVKA
KLLSVEEACKLTPPHSAKSKYGYGAKDVRNLSSRAVNHIHSVWKDLLEDTVTPIDTTIMAKNEVFCVQPEKGGRKPARLI
VFPDLGVRVCEKMALYDVVSTLPQVVMGSSYGFQYSPGQRVEFLVNTWKSKKNPMGFSYDTRCFDSTVTENDIRVEESIY
QCCDLAPEARQAIKSLTERLYIGGPLTNSKGQNCGYRRCRASGVLTTSCGNTLTCYLKASAACRAAKLQDCTMLVNGDDL
VVICESAGTQEDAASLRVFTEAMTRYSAPPGDPPQPEYDLELITSCSSNVSVAHDASGKRVYYLTRDPTTPLARAAWETA
RHTPVNSWLGNIIMYAPTLWARMILMTHFFSILLAQEQLEKALDCQIYGACYSIEPLDLPQIIERLHGLSAFSLHSYSPG
EINRVASCLRKLGVPPLRVWRHRARSVRARLLSQGGRAATCGKYLFNWAVKTKLKLTPIPAASQLDLSGWFVAGYSGGDI
YHSLSRARPRHHHHHH
;
_entity_poly.pdbx_strand_id   A
#
# COMPACT_ATOMS: atom_id res chain seq x y z
N SER A 1 -28.21 -1.33 -0.26
CA SER A 1 -28.20 -2.42 0.76
C SER A 1 -27.15 -2.10 1.85
N MET A 2 -27.24 -2.78 3.00
CA MET A 2 -26.27 -2.53 4.08
C MET A 2 -24.94 -3.14 3.71
N SER A 3 -23.85 -2.42 3.91
CA SER A 3 -22.54 -2.98 3.63
C SER A 3 -22.26 -4.24 4.44
N TYR A 4 -22.72 -4.24 5.69
CA TYR A 4 -22.67 -5.37 6.60
C TYR A 4 -23.97 -5.52 7.40
N THR A 5 -24.24 -6.76 7.77
CA THR A 5 -25.12 -7.06 8.88
C THR A 5 -24.39 -7.91 9.89
N TRP A 6 -24.80 -7.77 11.14
CA TRP A 6 -24.08 -8.35 12.26
C TRP A 6 -25.03 -9.20 13.09
N THR A 7 -24.53 -10.33 13.57
CA THR A 7 -25.30 -11.22 14.48
C THR A 7 -25.16 -10.86 15.94
N GLY A 8 -24.10 -10.15 16.31
CA GLY A 8 -23.76 -9.96 17.71
C GLY A 8 -22.53 -10.71 18.18
N ALA A 9 -22.12 -11.76 17.46
CA ALA A 9 -20.88 -12.46 17.81
C ALA A 9 -19.70 -11.50 17.60
N LEU A 10 -18.74 -11.57 18.52
CA LEU A 10 -17.64 -10.60 18.53
C LEU A 10 -16.58 -10.93 17.48
N ILE A 11 -15.89 -9.89 17.03
CA ILE A 11 -14.70 -10.09 16.20
C ILE A 11 -13.58 -10.40 17.19
N THR A 12 -13.07 -11.62 17.15
CA THR A 12 -12.17 -12.14 18.19
C THR A 12 -10.71 -12.23 17.74
N PRO A 13 -9.82 -12.09 18.70
CA PRO A 13 -8.41 -12.38 18.50
C PRO A 13 -8.13 -13.88 18.69
N CYS A 14 -6.96 -14.33 18.32
CA CYS A 14 -6.57 -15.73 18.56
C CYS A 14 -5.26 -15.82 19.35
N ALA A 15 -4.70 -14.65 19.68
CA ALA A 15 -3.45 -14.50 20.46
C ALA A 15 -3.49 -13.17 21.18
N ALA A 16 -2.52 -12.97 22.07
CA ALA A 16 -2.42 -11.77 22.85
C ALA A 16 -2.24 -10.60 21.86
N GLU A 17 -2.80 -9.46 22.24
CA GLU A 17 -2.65 -8.21 21.45
C GLU A 17 -2.04 -7.18 22.37
N GLU A 18 -0.97 -6.55 21.93
CA GLU A 18 -0.29 -5.56 22.75
C GLU A 18 -0.73 -4.20 22.17
N SER A 19 -1.16 -3.29 23.04
CA SER A 19 -1.64 -1.98 22.61
C SER A 19 -0.68 -0.82 22.92
N LYS A 20 0.23 -1.02 23.88
CA LYS A 20 1.19 0.02 24.29
C LYS A 20 2.60 -0.36 23.84
N LEU A 21 3.35 0.61 23.32
CA LEU A 21 4.77 0.38 23.04
C LEU A 21 5.51 0.01 24.32
N PRO A 22 6.19 -1.14 24.34
CA PRO A 22 6.98 -1.51 25.50
C PRO A 22 8.15 -0.55 25.74
N ILE A 23 8.53 -0.40 27.01
CA ILE A 23 9.77 0.26 27.36
C ILE A 23 10.91 -0.72 27.07
N ASN A 24 11.79 -0.31 26.17
CA ASN A 24 12.86 -1.15 25.70
C ASN A 24 14.03 -0.24 25.41
N ALA A 25 15.22 -0.55 25.90
CA ALA A 25 16.38 0.37 25.77
C ALA A 25 16.70 0.70 24.31
N LEU A 26 16.52 -0.28 23.44
CA LEU A 26 16.79 -0.10 22.02
C LEU A 26 15.79 0.87 21.34
N SER A 27 14.50 0.68 21.60
CA SER A 27 13.50 1.61 21.06
C SER A 27 13.54 2.98 21.73
N ASN A 28 13.90 3.01 22.99
CA ASN A 28 13.99 4.29 23.70
C ASN A 28 15.08 5.20 23.11
N SER A 29 16.14 4.61 22.60
CA SER A 29 17.22 5.38 21.97
C SER A 29 16.77 6.05 20.66
N LEU A 30 15.67 5.54 20.08
CA LEU A 30 15.08 6.04 18.85
C LEU A 30 14.02 7.08 19.16
N LEU A 31 13.12 6.77 20.08
CA LEU A 31 12.14 7.74 20.53
C LEU A 31 11.74 7.52 21.98
N ARG A 32 11.79 8.56 22.76
CA ARG A 32 11.50 8.41 24.18
C ARG A 32 10.05 8.55 24.63
N HIS A 33 9.17 9.12 23.83
CA HIS A 33 7.78 9.32 24.24
C HIS A 33 6.97 8.11 23.84
N HIS A 34 7.23 7.00 24.51
CA HIS A 34 6.61 5.71 24.17
C HIS A 34 5.08 5.73 24.34
N ASN A 35 4.58 6.55 25.24
CA ASN A 35 3.13 6.69 25.42
C ASN A 35 2.39 7.34 24.26
N MET A 36 3.11 7.96 23.33
CA MET A 36 2.51 8.48 22.11
C MET A 36 2.28 7.35 21.06
N VAL A 37 2.88 6.18 21.24
CA VAL A 37 2.79 5.12 20.25
C VAL A 37 1.84 4.03 20.74
N TYR A 38 0.94 3.61 19.88
CA TYR A 38 -0.05 2.57 20.26
C TYR A 38 -0.26 1.64 19.09
N ALA A 39 -0.78 0.43 19.35
CA ALA A 39 -1.24 -0.45 18.31
C ALA A 39 -2.75 -0.70 18.45
N THR A 40 -3.42 -0.83 17.32
CA THR A 40 -4.83 -1.18 17.29
C THR A 40 -4.95 -2.65 17.67
N THR A 41 -6.08 -2.98 18.32
CA THR A 41 -6.41 -4.36 18.73
C THR A 41 -7.92 -4.62 18.51
N SER A 42 -8.31 -5.88 18.67
CA SER A 42 -9.69 -6.29 18.59
C SER A 42 -10.59 -5.55 19.58
N ARG A 43 -10.02 -4.95 20.61
CA ARG A 43 -10.86 -4.21 21.57
C ARG A 43 -11.59 -3.02 20.96
N SER A 44 -11.13 -2.50 19.82
CA SER A 44 -11.85 -1.41 19.14
C SER A 44 -12.59 -1.85 17.84
N ALA A 45 -12.72 -3.15 17.62
CA ALA A 45 -13.36 -3.67 16.40
C ALA A 45 -14.78 -3.18 16.31
N GLY A 46 -15.47 -3.13 17.44
CA GLY A 46 -16.83 -2.61 17.45
C GLY A 46 -16.95 -1.17 16.95
N GLN A 47 -16.00 -0.31 17.32
CA GLN A 47 -15.95 1.06 16.84
C GLN A 47 -15.85 1.09 15.32
N ARG A 48 -14.97 0.24 14.79
CA ARG A 48 -14.83 0.12 13.35
C ARG A 48 -16.09 -0.44 12.70
N GLN A 49 -16.68 -1.49 13.30
CA GLN A 49 -17.93 -2.00 12.78
C GLN A 49 -18.96 -0.92 12.57
N LYS A 50 -19.16 -0.07 13.57
CA LYS A 50 -20.13 1.05 13.47
C LYS A 50 -19.84 1.94 12.28
N LYS A 51 -18.57 2.29 12.10
CA LYS A 51 -18.16 3.21 11.05
C LYS A 51 -18.35 2.64 9.64
N VAL A 52 -18.16 1.33 9.48
CA VAL A 52 -18.14 0.70 8.15
C VAL A 52 -19.51 0.14 7.72
N THR A 53 -20.46 0.25 8.63
CA THR A 53 -21.78 -0.29 8.45
C THR A 53 -22.79 0.82 8.10
N PHE A 54 -23.25 0.77 6.85
CA PHE A 54 -24.20 1.75 6.36
C PHE A 54 -24.89 1.27 5.09
N ASP A 55 -25.98 1.92 4.77
CA ASP A 55 -26.71 1.64 3.57
C ASP A 55 -26.10 2.44 2.43
N ARG A 56 -25.94 1.82 1.26
CA ARG A 56 -25.38 2.46 0.08
C ARG A 56 -26.54 2.79 -0.84
N LEU A 57 -26.49 3.98 -1.39
CA LEU A 57 -27.39 4.39 -2.46
C LEU A 57 -26.52 4.74 -3.68
N GLN A 58 -26.94 4.32 -4.87
CA GLN A 58 -26.14 4.52 -6.07
C GLN A 58 -27.05 4.77 -7.25
N ASP A 59 -26.73 5.84 -7.97
CA ASP A 59 -27.38 6.13 -9.26
C ASP A 59 -26.32 6.37 -10.31
N LEU A 60 -26.50 5.74 -11.47
CA LEU A 60 -25.54 5.79 -12.55
C LEU A 60 -26.09 6.63 -13.71
N ASP A 61 -25.26 7.48 -14.27
CA ASP A 61 -25.66 8.41 -15.35
C ASP A 61 -24.84 8.17 -16.62
N ASP A 62 -25.02 9.02 -17.64
CA ASP A 62 -24.33 8.83 -18.92
C ASP A 62 -22.80 8.91 -18.81
N HIS A 63 -22.29 9.82 -17.96
CA HIS A 63 -20.83 9.97 -17.83
C HIS A 63 -20.22 8.66 -17.33
N TYR A 64 -20.88 8.03 -16.37
CA TYR A 64 -20.47 6.74 -15.82
C TYR A 64 -20.46 5.67 -16.93
N ARG A 65 -21.56 5.57 -17.65
CA ARG A 65 -21.67 4.62 -18.73
C ARG A 65 -20.64 4.84 -19.82
N ASP A 66 -20.38 6.11 -20.16
CA ASP A 66 -19.41 6.47 -21.19
C ASP A 66 -18.01 6.04 -20.81
N VAL A 67 -17.64 6.33 -19.56
CA VAL A 67 -16.32 5.99 -19.08
C VAL A 67 -16.19 4.48 -19.05
N LEU A 68 -17.23 3.78 -18.56
CA LEU A 68 -17.19 2.35 -18.48
C LEU A 68 -16.95 1.70 -19.87
N LYS A 69 -17.66 2.19 -20.86
CA LYS A 69 -17.49 1.69 -22.23
C LYS A 69 -16.04 1.78 -22.69
N GLU A 70 -15.43 2.93 -22.38
CA GLU A 70 -14.03 3.20 -22.76
C GLU A 70 -13.11 2.21 -22.08
N MET A 71 -13.35 1.98 -20.80
CA MET A 71 -12.56 1.05 -20.00
C MET A 71 -12.63 -0.37 -20.54
N LYS A 72 -13.85 -0.80 -20.89
CA LYS A 72 -14.06 -2.12 -21.45
C LYS A 72 -13.34 -2.26 -22.80
N ALA A 73 -13.35 -1.20 -23.60
CA ALA A 73 -12.68 -1.27 -24.89
C ALA A 73 -11.18 -1.56 -24.72
N LYS A 74 -10.54 -0.93 -23.74
CA LYS A 74 -9.11 -1.14 -23.49
C LYS A 74 -8.89 -2.52 -22.93
N ALA A 75 -9.80 -2.97 -22.06
CA ALA A 75 -9.69 -4.26 -21.43
C ALA A 75 -9.76 -5.38 -22.47
N SER A 76 -10.49 -5.10 -23.54
CA SER A 76 -10.68 -6.10 -24.60
C SER A 76 -9.39 -6.40 -25.39
N THR A 77 -8.35 -5.60 -25.16
CA THR A 77 -7.06 -5.83 -25.79
C THR A 77 -6.13 -6.68 -24.96
N VAL A 78 -6.59 -7.12 -23.79
CA VAL A 78 -5.73 -7.83 -22.85
C VAL A 78 -5.90 -9.34 -23.00
N LYS A 79 -4.78 -10.04 -23.06
CA LYS A 79 -4.77 -11.49 -23.00
C LYS A 79 -4.18 -11.92 -21.67
N ALA A 80 -4.91 -12.72 -20.90
CA ALA A 80 -4.38 -13.23 -19.65
C ALA A 80 -4.42 -14.75 -19.59
N LYS A 81 -3.51 -15.33 -18.81
CA LYS A 81 -3.46 -16.79 -18.66
C LYS A 81 -3.65 -17.26 -17.23
N LEU A 82 -4.10 -18.52 -17.10
CA LEU A 82 -4.15 -19.24 -15.83
C LEU A 82 -2.76 -19.54 -15.31
N LEU A 83 -2.59 -19.44 -13.99
CA LEU A 83 -1.44 -20.03 -13.35
C LEU A 83 -1.72 -21.50 -13.08
N SER A 84 -0.67 -22.29 -13.14
CA SER A 84 -0.71 -23.66 -12.66
C SER A 84 -0.79 -23.64 -11.15
N VAL A 85 -1.22 -24.75 -10.58
CA VAL A 85 -1.27 -24.90 -9.15
C VAL A 85 0.09 -24.62 -8.57
N GLU A 86 1.16 -25.06 -9.25
CA GLU A 86 2.51 -24.86 -8.71
C GLU A 86 2.92 -23.39 -8.69
N GLU A 87 2.66 -22.67 -9.78
CA GLU A 87 3.01 -21.27 -9.89
C GLU A 87 2.26 -20.47 -8.83
N ALA A 88 1.03 -20.89 -8.53
CA ALA A 88 0.20 -20.19 -7.54
C ALA A 88 0.70 -20.49 -6.15
N CYS A 89 1.05 -21.76 -5.93
CA CYS A 89 1.57 -22.15 -4.66
C CYS A 89 2.79 -21.28 -4.31
N LYS A 90 3.60 -21.00 -5.30
CA LYS A 90 4.88 -20.34 -5.05
C LYS A 90 4.70 -18.84 -4.74
N LEU A 91 3.54 -18.28 -5.12
CA LEU A 91 3.19 -16.89 -4.75
C LEU A 91 2.64 -16.75 -3.32
N THR A 92 2.42 -17.85 -2.62
CA THR A 92 1.95 -17.80 -1.25
C THR A 92 3.06 -17.42 -0.25
N PRO A 93 2.88 -16.34 0.48
CA PRO A 93 3.81 -16.01 1.58
C PRO A 93 3.97 -17.14 2.60
N PRO A 94 5.20 -17.40 3.05
CA PRO A 94 5.46 -18.40 4.10
C PRO A 94 4.65 -18.29 5.39
N HIS A 95 4.24 -17.10 5.81
CA HIS A 95 3.47 -16.99 7.03
C HIS A 95 1.98 -16.72 6.74
N SER A 96 1.51 -17.10 5.55
CA SER A 96 0.11 -16.89 5.18
C SER A 96 -0.76 -17.78 6.07
N ALA A 97 -1.95 -17.31 6.42
CA ALA A 97 -2.81 -18.00 7.37
C ALA A 97 -3.04 -19.43 6.92
N LYS A 98 -2.92 -20.39 7.84
CA LYS A 98 -3.08 -21.79 7.44
C LYS A 98 -4.52 -22.06 7.03
N SER A 99 -4.69 -23.15 6.29
CA SER A 99 -6.01 -23.61 5.92
C SER A 99 -6.73 -24.20 7.11
N LYS A 100 -8.04 -24.11 7.11
CA LYS A 100 -8.79 -24.92 8.06
C LYS A 100 -8.84 -26.40 7.65
N TYR A 101 -8.34 -26.75 6.48
CA TYR A 101 -8.41 -28.12 5.96
C TYR A 101 -7.11 -28.91 6.14
N GLY A 102 -6.40 -28.63 7.24
CA GLY A 102 -5.30 -29.48 7.69
C GLY A 102 -3.97 -29.26 6.99
N TYR A 103 -3.71 -28.04 6.56
CA TYR A 103 -2.41 -27.70 5.98
C TYR A 103 -2.12 -26.20 6.11
N GLY A 104 -0.88 -25.81 5.88
CA GLY A 104 -0.48 -24.42 6.03
C GLY A 104 0.31 -23.92 4.85
N ALA A 105 0.80 -22.69 4.96
CA ALA A 105 1.53 -22.06 3.87
C ALA A 105 2.81 -22.80 3.49
N LYS A 106 3.50 -23.35 4.49
CA LYS A 106 4.71 -24.15 4.22
C LYS A 106 4.33 -25.34 3.35
N ASP A 107 3.23 -26.02 3.70
CA ASP A 107 2.74 -27.16 2.89
C ASP A 107 2.36 -26.80 1.46
N VAL A 108 1.78 -25.61 1.25
CA VAL A 108 1.48 -25.10 -0.08
C VAL A 108 2.77 -24.81 -0.88
N ARG A 109 3.68 -24.05 -0.29
CA ARG A 109 4.94 -23.72 -0.94
C ARG A 109 5.78 -24.99 -1.22
N ASN A 110 5.62 -26.02 -0.37
CA ASN A 110 6.30 -27.31 -0.54
C ASN A 110 5.58 -28.25 -1.51
N LEU A 111 4.43 -27.81 -2.03
CA LEU A 111 3.54 -28.63 -2.88
C LEU A 111 3.16 -29.98 -2.26
N SER A 112 2.87 -29.98 -0.96
CA SER A 112 2.49 -31.19 -0.26
C SER A 112 1.20 -31.73 -0.85
N SER A 113 1.01 -33.04 -0.69
CA SER A 113 -0.09 -33.72 -1.34
C SER A 113 -1.44 -33.30 -0.76
N ARG A 114 -1.55 -33.22 0.56
CA ARG A 114 -2.77 -32.72 1.19
C ARG A 114 -3.11 -31.34 0.61
N ALA A 115 -2.15 -30.42 0.66
CA ALA A 115 -2.39 -29.04 0.20
C ALA A 115 -2.83 -29.01 -1.26
N VAL A 116 -2.02 -29.58 -2.13
CA VAL A 116 -2.24 -29.58 -3.57
C VAL A 116 -3.53 -30.32 -3.97
N ASN A 117 -3.84 -31.44 -3.31
CA ASN A 117 -5.10 -32.16 -3.58
C ASN A 117 -6.31 -31.31 -3.16
N HIS A 118 -6.18 -30.63 -2.05
CA HIS A 118 -7.29 -29.81 -1.58
C HIS A 118 -7.53 -28.64 -2.54
N ILE A 119 -6.45 -27.96 -2.93
CA ILE A 119 -6.55 -26.87 -3.89
C ILE A 119 -7.25 -27.33 -5.14
N HIS A 120 -6.88 -28.52 -5.62
CA HIS A 120 -7.55 -29.07 -6.80
C HIS A 120 -9.07 -29.19 -6.58
N SER A 121 -9.48 -29.63 -5.41
CA SER A 121 -10.89 -29.83 -5.06
C SER A 121 -11.63 -28.50 -5.00
N VAL A 122 -10.96 -27.50 -4.45
CA VAL A 122 -11.56 -26.17 -4.33
C VAL A 122 -11.82 -25.64 -5.73
N TRP A 123 -10.86 -25.79 -6.65
CA TRP A 123 -11.00 -25.32 -8.01
C TRP A 123 -12.14 -26.02 -8.75
N LYS A 124 -12.24 -27.33 -8.55
CA LYS A 124 -13.26 -28.13 -9.21
C LYS A 124 -14.64 -27.61 -8.78
N ASP A 125 -14.80 -27.42 -7.48
CA ASP A 125 -16.01 -26.86 -6.91
C ASP A 125 -16.36 -25.46 -7.40
N LEU A 126 -15.37 -24.56 -7.54
CA LEU A 126 -15.62 -23.29 -8.22
C LEU A 126 -16.22 -23.46 -9.60
N LEU A 127 -15.73 -24.45 -10.33
CA LEU A 127 -16.22 -24.65 -11.67
C LEU A 127 -17.66 -25.22 -11.64
N GLU A 128 -17.92 -26.09 -10.68
CA GLU A 128 -19.18 -26.85 -10.63
C GLU A 128 -20.30 -26.09 -9.95
N ASP A 129 -19.95 -25.14 -9.09
CA ASP A 129 -20.90 -24.42 -8.26
C ASP A 129 -20.59 -22.91 -8.40
N THR A 130 -21.51 -22.13 -8.98
CA THR A 130 -21.32 -20.69 -9.18
C THR A 130 -22.26 -19.83 -8.35
N VAL A 131 -22.77 -20.39 -7.25
CA VAL A 131 -23.78 -19.72 -6.43
C VAL A 131 -23.48 -19.70 -4.92
N THR A 132 -23.03 -20.79 -4.32
CA THR A 132 -23.02 -20.89 -2.86
C THR A 132 -21.97 -19.91 -2.30
N PRO A 133 -22.38 -18.99 -1.43
CA PRO A 133 -21.38 -18.08 -0.80
C PRO A 133 -20.24 -18.83 -0.13
N ILE A 134 -19.03 -18.33 -0.34
CA ILE A 134 -17.82 -18.93 0.24
C ILE A 134 -17.58 -18.25 1.60
N ASP A 135 -17.14 -19.05 2.56
CA ASP A 135 -16.90 -18.57 3.90
C ASP A 135 -15.71 -17.60 3.89
N THR A 136 -15.75 -16.66 4.80
CA THR A 136 -14.57 -15.79 5.08
C THR A 136 -14.36 -15.66 6.57
N THR A 137 -13.12 -15.35 6.95
CA THR A 137 -12.77 -15.00 8.28
C THR A 137 -12.69 -13.47 8.36
N ILE A 138 -13.15 -12.95 9.47
CA ILE A 138 -12.94 -11.54 9.81
C ILE A 138 -12.10 -11.41 11.08
N MET A 139 -11.07 -10.57 11.00
CA MET A 139 -10.19 -10.30 12.11
C MET A 139 -9.87 -8.77 12.15
N ALA A 140 -9.48 -8.30 13.32
CA ALA A 140 -9.06 -6.94 13.54
C ALA A 140 -7.59 -6.82 13.22
N LYS A 141 -7.21 -5.90 12.36
CA LYS A 141 -5.80 -5.58 12.12
C LYS A 141 -5.13 -4.98 13.37
N ASN A 142 -3.92 -5.45 13.68
CA ASN A 142 -3.07 -4.87 14.70
C ASN A 142 -1.98 -4.02 13.95
N GLU A 143 -2.16 -2.70 13.94
CA GLU A 143 -1.27 -1.73 13.27
C GLU A 143 -0.91 -0.61 14.21
N VAL A 144 0.26 -0.03 13.98
CA VAL A 144 0.88 0.89 14.88
C VAL A 144 0.77 2.33 14.36
N PHE A 145 0.42 3.24 15.25
CA PHE A 145 0.33 4.65 14.94
C PHE A 145 0.85 5.50 16.11
N CYS A 146 0.97 6.80 15.86
CA CYS A 146 1.19 7.81 16.89
C CYS A 146 -0.14 8.46 17.23
N VAL A 147 -0.34 8.80 18.48
CA VAL A 147 -1.52 9.56 18.87
C VAL A 147 -1.52 10.89 18.11
N GLN A 148 -2.71 11.34 17.73
CA GLN A 148 -2.89 12.63 17.06
C GLN A 148 -3.79 13.48 17.96
N PRO A 149 -3.18 14.20 18.90
CA PRO A 149 -3.95 14.99 19.90
C PRO A 149 -4.95 15.94 19.24
N GLU A 150 -4.61 16.46 18.05
CA GLU A 150 -5.45 17.40 17.31
C GLU A 150 -6.72 16.80 16.69
N LYS A 151 -6.76 15.47 16.50
CA LYS A 151 -7.87 14.84 15.78
C LYS A 151 -8.95 14.41 16.76
N GLY A 152 -8.58 14.28 18.01
CA GLY A 152 -9.58 14.10 19.03
C GLY A 152 -9.56 12.74 19.69
N GLY A 153 -9.28 11.70 18.92
CA GLY A 153 -9.20 10.37 19.47
C GLY A 153 -8.36 9.48 18.56
N ARG A 154 -8.16 8.26 19.03
CA ARG A 154 -7.34 7.25 18.33
C ARG A 154 -8.06 6.52 17.27
N LYS A 155 -7.30 5.87 16.41
CA LYS A 155 -7.87 5.10 15.33
C LYS A 155 -8.27 3.73 15.85
N PRO A 156 -9.48 3.27 15.51
CA PRO A 156 -9.84 1.88 15.79
C PRO A 156 -9.22 0.95 14.75
N ALA A 157 -9.13 -0.33 15.13
CA ALA A 157 -8.60 -1.34 14.23
C ALA A 157 -9.34 -1.40 12.94
N ARG A 158 -8.60 -1.62 11.86
CA ARG A 158 -9.21 -1.94 10.58
C ARG A 158 -9.57 -3.41 10.66
N LEU A 159 -10.51 -3.81 9.83
CA LEU A 159 -11.00 -5.18 9.71
C LEU A 159 -10.44 -5.81 8.44
N ILE A 160 -10.04 -7.07 8.52
CA ILE A 160 -9.61 -7.78 7.33
C ILE A 160 -10.56 -8.95 7.16
N VAL A 161 -10.92 -9.19 5.91
CA VAL A 161 -11.88 -10.23 5.57
C VAL A 161 -11.26 -11.05 4.47
N PHE A 162 -11.09 -12.34 4.73
CA PHE A 162 -10.34 -13.20 3.80
C PHE A 162 -10.91 -14.61 3.77
N PRO A 163 -10.89 -15.21 2.61
CA PRO A 163 -11.31 -16.62 2.45
C PRO A 163 -10.15 -17.55 2.81
N ASP A 164 -10.42 -18.85 2.76
CA ASP A 164 -9.45 -19.85 3.23
C ASP A 164 -8.28 -19.95 2.28
N LEU A 165 -7.16 -20.41 2.81
CA LEU A 165 -5.95 -20.62 2.02
C LEU A 165 -6.16 -21.32 0.67
N GLY A 166 -6.93 -22.41 0.62
CA GLY A 166 -7.14 -23.08 -0.63
C GLY A 166 -7.82 -22.20 -1.68
N VAL A 167 -8.79 -21.38 -1.24
CA VAL A 167 -9.47 -20.44 -2.14
C VAL A 167 -8.49 -19.39 -2.65
N ARG A 168 -7.63 -18.89 -1.77
CA ARG A 168 -6.67 -17.85 -2.15
C ARG A 168 -5.74 -18.34 -3.24
N VAL A 169 -5.31 -19.60 -3.16
CA VAL A 169 -4.48 -20.15 -4.21
C VAL A 169 -5.25 -20.19 -5.55
N CYS A 170 -6.53 -20.56 -5.49
CA CYS A 170 -7.39 -20.55 -6.65
C CYS A 170 -7.58 -19.18 -7.26
N GLU A 171 -7.69 -18.16 -6.40
CA GLU A 171 -7.79 -16.80 -6.90
C GLU A 171 -6.57 -16.48 -7.75
N LYS A 172 -5.38 -16.82 -7.26
CA LYS A 172 -4.17 -16.58 -8.04
C LYS A 172 -4.28 -17.27 -9.40
N MET A 173 -4.69 -18.54 -9.40
CA MET A 173 -4.75 -19.25 -10.66
C MET A 173 -5.62 -18.52 -11.67
N ALA A 174 -6.77 -18.06 -11.23
CA ALA A 174 -7.73 -17.47 -12.13
C ALA A 174 -7.41 -16.05 -12.51
N LEU A 175 -6.83 -15.30 -11.56
CA LEU A 175 -6.81 -13.84 -11.62
C LEU A 175 -5.45 -13.14 -11.42
N TYR A 176 -4.42 -13.83 -10.98
CA TYR A 176 -3.12 -13.14 -10.83
C TYR A 176 -2.67 -12.42 -12.11
N ASP A 177 -2.79 -13.08 -13.26
CA ASP A 177 -2.34 -12.47 -14.51
C ASP A 177 -3.23 -11.28 -14.86
N VAL A 178 -4.51 -11.38 -14.58
CA VAL A 178 -5.46 -10.33 -14.90
C VAL A 178 -5.15 -9.10 -14.03
N VAL A 179 -5.01 -9.31 -12.73
CA VAL A 179 -4.85 -8.16 -11.83
C VAL A 179 -3.46 -7.53 -11.95
N SER A 180 -2.54 -8.30 -12.52
CA SER A 180 -1.21 -7.80 -12.77
C SER A 180 -1.11 -6.99 -14.04
N THR A 181 -1.97 -7.29 -15.02
CA THR A 181 -1.83 -6.76 -16.38
C THR A 181 -2.86 -5.74 -16.78
N LEU A 182 -4.10 -5.98 -16.34
CA LEU A 182 -5.23 -5.21 -16.82
C LEU A 182 -5.27 -3.75 -16.38
N PRO A 183 -4.94 -3.41 -15.14
CA PRO A 183 -5.11 -2.03 -14.68
C PRO A 183 -4.33 -1.06 -15.52
N GLN A 184 -3.09 -1.39 -15.85
CA GLN A 184 -2.31 -0.43 -16.62
C GLN A 184 -2.86 -0.27 -18.02
N VAL A 185 -3.34 -1.34 -18.60
CA VAL A 185 -3.91 -1.27 -19.94
C VAL A 185 -5.20 -0.38 -19.93
N VAL A 186 -6.04 -0.56 -18.92
CA VAL A 186 -7.28 0.22 -18.85
C VAL A 186 -7.09 1.69 -18.50
N MET A 187 -6.21 1.96 -17.52
CA MET A 187 -6.06 3.30 -16.96
C MET A 187 -4.82 4.07 -17.40
N GLY A 188 -3.93 3.38 -18.14
CA GLY A 188 -2.72 3.98 -18.67
C GLY A 188 -1.89 4.67 -17.61
N SER A 189 -1.45 5.89 -17.92
CA SER A 189 -0.52 6.61 -17.04
C SER A 189 -1.15 6.97 -15.68
N SER A 190 -2.47 6.93 -15.58
CA SER A 190 -3.19 7.14 -14.30
C SER A 190 -3.06 5.98 -13.30
N TYR A 191 -2.58 4.81 -13.70
CA TYR A 191 -2.45 3.69 -12.76
C TYR A 191 -1.18 3.85 -11.96
N GLY A 192 -1.32 4.14 -10.69
CA GLY A 192 -0.19 4.49 -9.86
C GLY A 192 0.81 3.43 -9.55
N PHE A 193 0.37 2.18 -9.53
CA PHE A 193 1.25 1.08 -9.08
C PHE A 193 2.31 0.62 -10.12
N GLN A 194 2.28 1.18 -11.32
CA GLN A 194 3.33 1.00 -12.30
C GLN A 194 4.58 1.85 -12.02
N TYR A 195 4.50 2.74 -11.04
CA TYR A 195 5.60 3.71 -10.84
C TYR A 195 6.41 3.43 -9.59
N SER A 196 7.73 3.52 -9.73
CA SER A 196 8.57 3.65 -8.57
C SER A 196 8.32 5.02 -7.92
N PRO A 197 8.83 5.26 -6.73
CA PRO A 197 8.64 6.57 -6.10
C PRO A 197 9.14 7.72 -6.97
N GLY A 198 10.31 7.56 -7.59
CA GLY A 198 10.85 8.50 -8.53
C GLY A 198 10.00 8.76 -9.77
N GLN A 199 9.42 7.69 -10.31
CA GLN A 199 8.57 7.78 -11.47
C GLN A 199 7.21 8.39 -11.11
N ARG A 200 6.71 8.16 -9.89
CA ARG A 200 5.48 8.80 -9.46
C ARG A 200 5.71 10.33 -9.38
N VAL A 201 6.87 10.72 -8.85
CA VAL A 201 7.24 12.12 -8.78
C VAL A 201 7.31 12.69 -10.18
N GLU A 202 7.97 12.00 -11.09
CA GLU A 202 8.08 12.50 -12.45
C GLU A 202 6.67 12.70 -13.07
N PHE A 203 5.78 11.74 -12.86
CA PHE A 203 4.41 11.86 -13.39
C PHE A 203 3.66 13.03 -12.80
N LEU A 204 3.75 13.21 -11.49
CA LEU A 204 3.09 14.30 -10.83
C LEU A 204 3.67 15.64 -11.32
N VAL A 205 4.98 15.76 -11.33
CA VAL A 205 5.61 17.02 -11.79
C VAL A 205 5.28 17.36 -13.24
N ASN A 206 5.38 16.39 -14.13
CA ASN A 206 5.14 16.64 -15.54
C ASN A 206 3.66 17.00 -15.73
N THR A 207 2.81 16.30 -14.99
CA THR A 207 1.38 16.58 -15.07
C THR A 207 1.08 17.99 -14.59
N TRP A 208 1.65 18.39 -13.46
CA TRP A 208 1.48 19.73 -12.92
C TRP A 208 1.92 20.82 -13.90
N LYS A 209 3.11 20.62 -14.46
CA LYS A 209 3.72 21.52 -15.47
C LYS A 209 2.92 21.63 -16.77
N SER A 210 2.13 20.60 -17.06
CA SER A 210 1.32 20.55 -18.28
C SER A 210 0.09 21.46 -18.23
N LYS A 211 -0.30 21.94 -17.06
CA LYS A 211 -1.42 22.87 -16.91
C LYS A 211 -0.94 24.36 -16.90
N LYS A 212 -1.74 25.28 -17.44
CA LYS A 212 -1.35 26.70 -17.43
C LYS A 212 -1.40 27.26 -16.02
N ASN A 213 -2.49 26.95 -15.30
CA ASN A 213 -2.76 27.43 -13.98
C ASN A 213 -3.23 26.20 -13.20
N PRO A 214 -2.27 25.41 -12.73
CA PRO A 214 -2.61 24.11 -12.15
C PRO A 214 -3.29 24.27 -10.81
N MET A 215 -4.22 23.35 -10.57
CA MET A 215 -4.85 23.13 -9.32
C MET A 215 -4.93 21.59 -9.13
N GLY A 216 -4.79 21.14 -7.90
CA GLY A 216 -4.89 19.73 -7.60
C GLY A 216 -5.62 19.47 -6.33
N PHE A 217 -6.17 18.27 -6.21
CA PHE A 217 -6.78 17.87 -5.00
C PHE A 217 -6.75 16.37 -4.82
N SER A 218 -6.66 15.97 -3.58
CA SER A 218 -6.82 14.58 -3.22
C SER A 218 -8.30 14.43 -2.89
N TYR A 219 -8.88 13.25 -3.17
CA TYR A 219 -10.27 12.95 -2.75
C TYR A 219 -10.28 11.72 -1.86
N ASP A 220 -10.78 11.94 -0.65
CA ASP A 220 -10.83 10.96 0.44
C ASP A 220 -12.22 10.43 0.48
N THR A 221 -12.40 9.22 -0.03
CA THR A 221 -13.67 8.54 0.10
C THR A 221 -13.80 8.03 1.51
N ARG A 222 -14.98 8.22 2.13
CA ARG A 222 -15.27 7.67 3.44
C ARG A 222 -15.36 6.12 3.31
N CYS A 223 -14.49 5.40 4.03
CA CYS A 223 -14.51 3.93 4.06
C CYS A 223 -14.78 3.33 2.68
N PHE A 224 -13.85 3.51 1.74
CA PHE A 224 -14.05 3.09 0.34
C PHE A 224 -14.60 1.65 0.19
N ASP A 225 -13.97 0.68 0.85
CA ASP A 225 -14.36 -0.72 0.72
C ASP A 225 -15.86 -0.88 1.00
N SER A 226 -16.36 -0.21 2.02
CA SER A 226 -17.78 -0.26 2.35
C SER A 226 -18.70 0.38 1.33
N THR A 227 -18.20 1.35 0.56
CA THR A 227 -19.02 2.03 -0.43
C THR A 227 -19.17 1.21 -1.71
N VAL A 228 -18.36 0.16 -1.86
CA VAL A 228 -18.36 -0.68 -3.08
C VAL A 228 -19.62 -1.56 -3.05
N THR A 229 -20.46 -1.36 -4.06
CA THR A 229 -21.76 -2.07 -4.20
C THR A 229 -21.66 -3.35 -4.99
N GLU A 230 -22.71 -4.16 -4.91
CA GLU A 230 -22.81 -5.32 -5.76
C GLU A 230 -22.65 -4.94 -7.24
N ASN A 231 -23.27 -3.84 -7.66
CA ASN A 231 -23.19 -3.34 -9.04
C ASN A 231 -21.72 -3.15 -9.41
N ASP A 232 -20.99 -2.54 -8.49
CA ASP A 232 -19.58 -2.19 -8.74
C ASP A 232 -18.79 -3.46 -8.95
N ILE A 233 -19.07 -4.49 -8.15
CA ILE A 233 -18.28 -5.71 -8.19
C ILE A 233 -18.61 -6.50 -9.47
N ARG A 234 -19.87 -6.47 -9.85
CA ARG A 234 -20.29 -7.04 -11.13
C ARG A 234 -19.73 -6.29 -12.33
N VAL A 235 -19.61 -4.96 -12.23
CA VAL A 235 -19.00 -4.12 -13.26
C VAL A 235 -17.52 -4.48 -13.41
N GLU A 236 -16.84 -4.61 -12.28
CA GLU A 236 -15.46 -5.12 -12.28
C GLU A 236 -15.37 -6.47 -13.02
N GLU A 237 -16.22 -7.41 -12.65
CA GLU A 237 -16.19 -8.72 -13.33
C GLU A 237 -16.38 -8.56 -14.84
N SER A 238 -17.26 -7.66 -15.26
CA SER A 238 -17.55 -7.51 -16.69
C SER A 238 -16.31 -6.97 -17.43
N ILE A 239 -15.50 -6.18 -16.72
CA ILE A 239 -14.23 -5.71 -17.25
C ILE A 239 -13.19 -6.85 -17.36
N TYR A 240 -13.08 -7.68 -16.33
CA TYR A 240 -12.20 -8.85 -16.35
C TYR A 240 -12.54 -9.78 -17.54
N GLN A 241 -13.84 -9.93 -17.78
CA GLN A 241 -14.36 -10.82 -18.84
C GLN A 241 -14.14 -10.27 -20.26
N CYS A 242 -13.86 -8.97 -20.39
CA CYS A 242 -13.38 -8.39 -21.64
C CYS A 242 -12.03 -8.92 -22.10
N CYS A 243 -11.24 -9.42 -21.16
CA CYS A 243 -9.95 -10.00 -21.48
C CYS A 243 -10.17 -11.28 -22.30
N ASP A 244 -9.13 -11.63 -23.05
CA ASP A 244 -9.06 -12.92 -23.76
C ASP A 244 -8.63 -13.96 -22.74
N LEU A 245 -9.57 -14.80 -22.31
CA LEU A 245 -9.35 -15.77 -21.23
C LEU A 245 -9.66 -17.20 -21.64
N ALA A 246 -8.94 -18.14 -21.04
CA ALA A 246 -9.27 -19.57 -21.16
C ALA A 246 -10.68 -19.85 -20.56
N PRO A 247 -11.44 -20.77 -21.16
CA PRO A 247 -12.80 -21.04 -20.66
C PRO A 247 -12.85 -21.34 -19.15
N GLU A 248 -11.92 -22.12 -18.60
CA GLU A 248 -11.95 -22.36 -17.17
C GLU A 248 -11.67 -21.11 -16.34
N ALA A 249 -10.89 -20.18 -16.90
CA ALA A 249 -10.59 -18.93 -16.20
C ALA A 249 -11.86 -18.10 -16.16
N ARG A 250 -12.60 -18.08 -17.27
CA ARG A 250 -13.82 -17.31 -17.33
C ARG A 250 -14.85 -17.81 -16.31
N GLN A 251 -14.94 -19.13 -16.17
CA GLN A 251 -15.89 -19.74 -15.23
C GLN A 251 -15.45 -19.52 -13.78
N ALA A 252 -14.15 -19.62 -13.52
CA ALA A 252 -13.63 -19.45 -12.18
C ALA A 252 -13.86 -18.00 -11.72
N ILE A 253 -13.74 -17.06 -12.65
CA ILE A 253 -13.81 -15.63 -12.34
C ILE A 253 -15.29 -15.29 -12.07
N LYS A 254 -16.18 -15.85 -12.90
CA LYS A 254 -17.60 -15.71 -12.63
C LYS A 254 -17.96 -16.31 -11.28
N SER A 255 -17.44 -17.50 -10.95
CA SER A 255 -17.83 -18.19 -9.73
C SER A 255 -17.30 -17.39 -8.53
N LEU A 256 -16.06 -16.92 -8.64
CA LEU A 256 -15.44 -16.21 -7.53
C LEU A 256 -16.19 -14.91 -7.31
N THR A 257 -16.64 -14.28 -8.38
CA THR A 257 -17.41 -13.07 -8.25
C THR A 257 -18.74 -13.31 -7.53
N GLU A 258 -19.43 -14.38 -7.91
CA GLU A 258 -20.74 -14.60 -7.33
C GLU A 258 -20.67 -15.08 -5.90
N ARG A 259 -19.67 -15.88 -5.58
CA ARG A 259 -19.62 -16.57 -4.32
C ARG A 259 -18.73 -15.91 -3.29
N LEU A 260 -17.78 -15.08 -3.75
CA LEU A 260 -16.78 -14.46 -2.86
C LEU A 260 -16.79 -12.91 -2.98
N TYR A 261 -16.57 -12.39 -4.17
CA TYR A 261 -16.31 -10.95 -4.25
C TYR A 261 -17.55 -10.11 -3.95
N ILE A 262 -18.74 -10.58 -4.37
CA ILE A 262 -19.94 -9.84 -4.11
C ILE A 262 -20.30 -9.76 -2.63
N GLY A 263 -20.00 -10.81 -1.89
CA GLY A 263 -20.46 -10.89 -0.53
C GLY A 263 -20.37 -12.29 0.00
N GLY A 264 -20.69 -12.43 1.26
CA GLY A 264 -20.74 -13.72 1.91
C GLY A 264 -20.67 -13.63 3.38
N PRO A 265 -20.74 -14.78 4.02
CA PRO A 265 -20.74 -14.81 5.47
C PRO A 265 -19.37 -14.52 6.07
N LEU A 266 -19.40 -13.96 7.26
CA LEU A 266 -18.21 -13.61 8.07
C LEU A 266 -18.13 -14.47 9.34
N THR A 267 -17.02 -15.15 9.51
CA THR A 267 -16.80 -16.06 10.64
C THR A 267 -15.62 -15.56 11.46
N ASN A 268 -15.79 -15.51 12.77
CA ASN A 268 -14.69 -15.08 13.64
C ASN A 268 -13.66 -16.21 13.83
N SER A 269 -12.56 -15.89 14.55
CA SER A 269 -11.48 -16.83 14.77
C SER A 269 -11.91 -18.05 15.58
N LYS A 270 -13.03 -17.92 16.26
CA LYS A 270 -13.65 -18.97 17.07
C LYS A 270 -14.70 -19.83 16.31
N GLY A 271 -14.83 -19.63 14.99
CA GLY A 271 -15.81 -20.37 14.17
C GLY A 271 -17.29 -19.96 14.26
N GLN A 272 -17.56 -18.84 14.92
CA GLN A 272 -18.93 -18.33 15.11
C GLN A 272 -19.30 -17.38 13.99
N ASN A 273 -20.56 -17.39 13.58
CA ASN A 273 -21.01 -16.52 12.50
C ASN A 273 -21.15 -15.11 13.06
N CYS A 274 -20.38 -14.16 12.52
CA CYS A 274 -20.47 -12.74 12.93
C CYS A 274 -21.45 -11.92 12.13
N GLY A 275 -21.75 -12.36 10.91
CA GLY A 275 -22.63 -11.62 10.03
C GLY A 275 -22.40 -11.86 8.55
N TYR A 276 -22.70 -10.84 7.77
CA TYR A 276 -22.73 -10.95 6.33
C TYR A 276 -22.23 -9.67 5.68
N ARG A 277 -21.39 -9.82 4.68
CA ARG A 277 -20.84 -8.71 3.89
C ARG A 277 -21.49 -8.53 2.52
N ARG A 278 -21.81 -7.29 2.14
CA ARG A 278 -22.26 -6.97 0.79
C ARG A 278 -21.44 -5.82 0.16
N CYS A 279 -20.15 -5.79 0.48
CA CYS A 279 -19.26 -4.77 -0.04
C CYS A 279 -17.92 -5.44 -0.33
N ARG A 280 -16.92 -4.63 -0.65
CA ARG A 280 -15.58 -5.15 -0.89
C ARG A 280 -15.02 -5.95 0.31
N ALA A 281 -14.49 -7.13 0.00
CA ALA A 281 -13.63 -7.85 0.93
C ALA A 281 -12.22 -7.26 0.86
N SER A 282 -11.67 -6.94 2.03
CA SER A 282 -10.34 -6.33 2.13
C SER A 282 -9.19 -7.29 1.88
N GLY A 283 -9.44 -8.57 1.96
CA GLY A 283 -8.38 -9.57 1.90
C GLY A 283 -8.55 -10.61 0.80
N VAL A 284 -8.81 -10.14 -0.40
CA VAL A 284 -8.86 -10.98 -1.59
C VAL A 284 -7.92 -10.48 -2.67
N LEU A 285 -7.65 -11.31 -3.66
CA LEU A 285 -6.68 -10.94 -4.68
C LEU A 285 -7.07 -9.70 -5.45
N THR A 286 -8.37 -9.50 -5.65
CA THR A 286 -8.89 -8.41 -6.50
C THR A 286 -9.14 -7.12 -5.76
N THR A 287 -8.84 -7.05 -4.48
CA THR A 287 -9.11 -5.82 -3.69
C THR A 287 -8.46 -4.59 -4.32
N SER A 288 -7.15 -4.69 -4.58
CA SER A 288 -6.41 -3.56 -5.13
C SER A 288 -6.89 -3.18 -6.55
N CYS A 289 -6.94 -4.14 -7.44
CA CYS A 289 -7.37 -3.91 -8.82
C CYS A 289 -8.79 -3.42 -8.89
N GLY A 290 -9.66 -4.09 -8.14
CA GLY A 290 -11.08 -3.74 -8.07
C GLY A 290 -11.26 -2.31 -7.58
N ASN A 291 -10.60 -1.98 -6.46
CA ASN A 291 -10.71 -0.65 -5.94
C ASN A 291 -10.17 0.38 -6.90
N THR A 292 -9.04 0.08 -7.53
CA THR A 292 -8.45 1.03 -8.44
C THR A 292 -9.38 1.30 -9.63
N LEU A 293 -9.88 0.25 -10.27
CA LEU A 293 -10.79 0.41 -11.39
C LEU A 293 -12.04 1.19 -11.03
N THR A 294 -12.65 0.85 -9.91
CA THR A 294 -13.86 1.48 -9.47
C THR A 294 -13.67 2.93 -9.07
N CYS A 295 -12.61 3.22 -8.34
CA CYS A 295 -12.27 4.59 -8.02
C CYS A 295 -12.04 5.42 -9.29
N TYR A 296 -11.26 4.88 -10.21
CA TYR A 296 -10.98 5.51 -11.51
C TYR A 296 -12.25 5.80 -12.29
N LEU A 297 -13.14 4.81 -12.33
CA LEU A 297 -14.43 4.92 -13.08
C LEU A 297 -15.27 6.05 -12.52
N LYS A 298 -15.51 6.02 -11.23
CA LYS A 298 -16.34 7.00 -10.58
C LYS A 298 -15.73 8.40 -10.68
N ALA A 299 -14.43 8.52 -10.44
CA ALA A 299 -13.78 9.83 -10.45
C ALA A 299 -13.75 10.43 -11.85
N SER A 300 -13.48 9.58 -12.83
CA SER A 300 -13.41 10.01 -14.24
C SER A 300 -14.76 10.55 -14.68
N ALA A 301 -15.80 9.81 -14.34
CA ALA A 301 -17.17 10.26 -14.63
C ALA A 301 -17.51 11.52 -13.84
N ALA A 302 -17.09 11.59 -12.58
CA ALA A 302 -17.31 12.79 -11.76
C ALA A 302 -16.59 14.03 -12.27
N CYS A 303 -15.40 13.85 -12.81
CA CYS A 303 -14.69 14.93 -13.48
C CYS A 303 -15.54 15.54 -14.61
N ARG A 304 -16.17 14.67 -15.36
CA ARG A 304 -17.01 15.08 -16.48
C ARG A 304 -18.28 15.79 -15.99
N ALA A 305 -18.87 15.26 -14.92
CA ALA A 305 -20.02 15.89 -14.29
C ALA A 305 -19.71 17.30 -13.77
N ALA A 306 -18.54 17.48 -13.16
CA ALA A 306 -18.16 18.76 -12.58
C ALA A 306 -17.56 19.74 -13.60
N LYS A 307 -17.40 19.27 -14.84
CA LYS A 307 -16.85 20.06 -15.94
C LYS A 307 -15.45 20.57 -15.58
N LEU A 308 -14.68 19.72 -14.92
CA LEU A 308 -13.29 20.02 -14.64
C LEU A 308 -12.54 20.09 -15.95
N GLN A 309 -11.69 21.10 -16.04
CA GLN A 309 -10.93 21.37 -17.25
C GLN A 309 -9.58 20.64 -17.25
N ASP A 310 -9.42 19.72 -18.19
CA ASP A 310 -8.20 18.92 -18.43
C ASP A 310 -7.75 18.19 -17.16
N CYS A 311 -8.64 17.34 -16.64
CA CYS A 311 -8.38 16.60 -15.40
C CYS A 311 -7.55 15.34 -15.69
N THR A 312 -6.47 15.18 -14.93
CA THR A 312 -5.59 14.03 -15.03
C THR A 312 -5.65 13.36 -13.65
N MET A 313 -5.93 12.07 -13.63
CA MET A 313 -6.08 11.32 -12.38
C MET A 313 -4.83 10.52 -12.11
N LEU A 314 -4.53 10.32 -10.82
CA LEU A 314 -3.55 9.31 -10.44
C LEU A 314 -4.22 8.48 -9.35
N VAL A 315 -4.36 7.18 -9.60
CA VAL A 315 -5.17 6.28 -8.77
C VAL A 315 -4.34 5.10 -8.31
N ASN A 316 -4.42 4.79 -7.04
CA ASN A 316 -3.81 3.63 -6.39
C ASN A 316 -4.86 3.12 -5.39
N GLY A 317 -5.58 2.06 -5.72
CA GLY A 317 -6.65 1.60 -4.88
C GLY A 317 -7.70 2.66 -4.67
N ASP A 318 -7.99 2.96 -3.42
CA ASP A 318 -8.93 4.02 -3.09
C ASP A 318 -8.30 5.39 -3.01
N ASP A 319 -7.02 5.46 -3.29
CA ASP A 319 -6.28 6.70 -3.13
C ASP A 319 -6.28 7.43 -4.47
N LEU A 320 -6.78 8.66 -4.46
CA LEU A 320 -7.02 9.44 -5.66
C LEU A 320 -6.52 10.88 -5.55
N VAL A 321 -5.81 11.31 -6.57
CA VAL A 321 -5.48 12.71 -6.75
C VAL A 321 -5.86 13.10 -8.18
N VAL A 322 -6.28 14.33 -8.32
CA VAL A 322 -6.77 14.88 -9.58
C VAL A 322 -6.02 16.18 -9.78
N ILE A 323 -5.40 16.35 -10.93
CA ILE A 323 -4.77 17.62 -11.32
C ILE A 323 -5.46 18.13 -12.55
N CYS A 324 -5.84 19.40 -12.54
CA CYS A 324 -6.62 20.03 -13.63
C CYS A 324 -6.26 21.50 -13.77
N GLU A 325 -6.92 22.19 -14.71
CA GLU A 325 -6.78 23.65 -14.87
C GLU A 325 -7.66 24.40 -13.88
N SER A 326 -7.11 25.41 -13.20
CA SER A 326 -7.89 26.24 -12.30
C SER A 326 -8.78 27.13 -13.13
N ALA A 327 -9.96 27.38 -12.60
CA ALA A 327 -10.88 28.36 -13.22
C ALA A 327 -11.05 29.58 -12.32
N GLY A 328 -10.19 29.73 -11.32
CA GLY A 328 -10.30 30.76 -10.28
C GLY A 328 -10.61 30.14 -8.94
N THR A 329 -10.32 30.82 -7.83
CA THR A 329 -10.56 30.19 -6.50
C THR A 329 -11.99 29.88 -6.19
N GLN A 330 -12.91 30.84 -6.41
CA GLN A 330 -14.31 30.58 -6.15
C GLN A 330 -14.84 29.48 -7.08
N GLU A 331 -14.44 29.51 -8.35
CA GLU A 331 -14.96 28.55 -9.34
C GLU A 331 -14.46 27.13 -9.01
N ASP A 332 -13.23 27.08 -8.51
CA ASP A 332 -12.62 25.79 -8.18
C ASP A 332 -13.33 25.15 -6.98
N ALA A 333 -13.61 25.96 -5.95
CA ALA A 333 -14.32 25.48 -4.78
C ALA A 333 -15.68 24.95 -5.17
N ALA A 334 -16.39 25.68 -6.03
CA ALA A 334 -17.69 25.23 -6.51
C ALA A 334 -17.61 23.94 -7.31
N SER A 335 -16.62 23.83 -8.19
CA SER A 335 -16.43 22.63 -9.04
C SER A 335 -16.19 21.38 -8.17
N LEU A 336 -15.43 21.57 -7.10
CA LEU A 336 -15.07 20.47 -6.19
C LEU A 336 -16.33 20.00 -5.43
N ARG A 337 -17.24 20.90 -5.12
CA ARG A 337 -18.52 20.49 -4.55
C ARG A 337 -19.34 19.67 -5.55
N VAL A 338 -19.37 20.07 -6.84
CA VAL A 338 -20.07 19.27 -7.85
C VAL A 338 -19.42 17.91 -8.04
N PHE A 339 -18.08 17.87 -7.98
CA PHE A 339 -17.36 16.64 -8.15
C PHE A 339 -17.76 15.70 -6.99
N THR A 340 -17.82 16.26 -5.80
CA THR A 340 -18.14 15.50 -4.60
C THR A 340 -19.60 15.01 -4.66
N GLU A 341 -20.50 15.86 -5.15
CA GLU A 341 -21.92 15.49 -5.34
C GLU A 341 -22.06 14.28 -6.24
N ALA A 342 -21.28 14.27 -7.31
CA ALA A 342 -21.31 13.20 -8.28
C ALA A 342 -20.74 11.92 -7.70
N MET A 343 -19.60 12.03 -7.02
CA MET A 343 -19.01 10.88 -6.35
C MET A 343 -20.01 10.29 -5.37
N THR A 344 -20.66 11.14 -4.61
CA THR A 344 -21.67 10.67 -3.67
C THR A 344 -22.77 9.89 -4.36
N ARG A 345 -23.31 10.45 -5.43
CA ARG A 345 -24.31 9.80 -6.21
C ARG A 345 -23.90 8.41 -6.66
N TYR A 346 -22.64 8.27 -7.00
CA TYR A 346 -22.05 7.00 -7.42
C TYR A 346 -21.67 6.05 -6.27
N SER A 347 -21.99 6.41 -5.03
CA SER A 347 -21.62 5.66 -3.82
C SER A 347 -20.11 5.72 -3.58
N ALA A 348 -19.62 6.96 -3.51
CA ALA A 348 -18.28 7.23 -2.96
C ALA A 348 -18.33 8.61 -2.31
N PRO A 349 -19.13 8.75 -1.28
CA PRO A 349 -19.21 9.99 -0.52
C PRO A 349 -17.90 10.28 0.19
N PRO A 350 -17.64 11.56 0.49
CA PRO A 350 -16.35 11.99 0.99
C PRO A 350 -16.18 11.79 2.50
N GLY A 351 -14.93 11.59 2.93
CA GLY A 351 -14.54 11.72 4.32
C GLY A 351 -14.28 13.21 4.55
N ASP A 352 -13.02 13.59 4.55
CA ASP A 352 -12.67 15.00 4.54
C ASP A 352 -13.06 15.55 3.16
N PRO A 353 -13.74 16.69 3.07
CA PRO A 353 -14.10 17.22 1.74
C PRO A 353 -12.85 17.63 1.00
N PRO A 354 -12.83 17.51 -0.35
CA PRO A 354 -11.63 17.85 -1.10
C PRO A 354 -11.38 19.36 -1.04
N GLN A 355 -10.12 19.73 -0.98
CA GLN A 355 -9.78 21.15 -1.05
C GLN A 355 -8.74 21.43 -2.15
N PRO A 356 -8.96 22.51 -2.89
CA PRO A 356 -8.06 22.82 -4.01
C PRO A 356 -6.70 23.23 -3.46
N GLU A 357 -5.63 22.74 -4.06
CA GLU A 357 -4.27 23.14 -3.71
C GLU A 357 -3.62 23.68 -4.93
N TYR A 358 -2.83 24.74 -4.75
CA TYR A 358 -2.16 25.44 -5.85
C TYR A 358 -0.64 25.28 -5.82
N ASP A 359 -0.11 24.59 -4.80
CA ASP A 359 1.32 24.27 -4.65
C ASP A 359 1.42 22.72 -4.67
N LEU A 360 2.04 22.16 -5.69
CA LEU A 360 2.19 20.71 -5.83
C LEU A 360 2.76 20.03 -4.60
N GLU A 361 3.68 20.70 -3.91
CA GLU A 361 4.31 20.17 -2.71
C GLU A 361 3.35 19.90 -1.54
N LEU A 362 2.18 20.53 -1.57
CA LEU A 362 1.23 20.44 -0.45
C LEU A 362 0.12 19.41 -0.68
N ILE A 363 0.17 18.76 -1.83
CA ILE A 363 -0.80 17.75 -2.21
C ILE A 363 -0.25 16.42 -1.64
N THR A 364 -1.02 15.82 -0.75
CA THR A 364 -0.62 14.55 -0.17
C THR A 364 -1.46 13.50 -0.89
N SER A 365 -0.77 12.58 -1.58
CA SER A 365 -1.35 11.39 -2.22
C SER A 365 -0.53 10.10 -1.96
N CYS A 366 -1.26 9.01 -1.72
CA CYS A 366 -0.63 7.79 -1.19
C CYS A 366 0.24 8.17 0.01
N SER A 367 -0.32 9.02 0.86
CA SER A 367 0.28 9.50 2.10
C SER A 367 1.64 10.16 1.91
N SER A 368 1.93 10.65 0.70
CA SER A 368 3.24 11.14 0.31
C SER A 368 3.12 12.42 -0.47
N ASN A 369 4.22 13.15 -0.59
CA ASN A 369 4.23 14.36 -1.40
C ASN A 369 5.56 14.53 -2.10
N VAL A 370 5.54 15.34 -3.15
CA VAL A 370 6.74 15.77 -3.81
C VAL A 370 7.43 16.85 -2.99
N SER A 371 8.75 16.76 -2.93
CA SER A 371 9.54 17.82 -2.31
C SER A 371 10.81 18.04 -3.11
N VAL A 372 11.58 19.05 -2.69
CA VAL A 372 12.78 19.39 -3.40
C VAL A 372 14.03 19.35 -2.50
N ALA A 373 15.12 18.95 -3.12
CA ALA A 373 16.45 19.03 -2.51
C ALA A 373 17.48 19.30 -3.63
N HIS A 374 18.76 19.18 -3.33
CA HIS A 374 19.81 19.36 -4.33
C HIS A 374 20.77 18.22 -4.32
N ASP A 375 21.19 17.80 -5.52
CA ASP A 375 22.20 16.78 -5.66
C ASP A 375 23.56 17.45 -5.50
N ALA A 376 24.62 16.67 -5.68
CA ALA A 376 25.99 17.12 -5.43
C ALA A 376 26.40 18.31 -6.32
N SER A 377 25.88 18.36 -7.56
CA SER A 377 26.20 19.45 -8.48
C SER A 377 25.51 20.74 -8.11
N GLY A 378 24.53 20.64 -7.22
CA GLY A 378 23.74 21.77 -6.78
C GLY A 378 22.40 21.90 -7.52
N LYS A 379 22.13 20.98 -8.45
CA LYS A 379 20.88 21.01 -9.24
C LYS A 379 19.68 20.80 -8.31
N ARG A 380 18.66 21.65 -8.41
CA ARG A 380 17.43 21.46 -7.62
C ARG A 380 16.70 20.28 -8.25
N VAL A 381 16.30 19.30 -7.42
CA VAL A 381 15.68 18.05 -7.87
C VAL A 381 14.48 17.62 -7.03
N TYR A 382 13.62 16.78 -7.60
CA TYR A 382 12.37 16.41 -6.95
C TYR A 382 12.43 14.98 -6.45
N TYR A 383 11.81 14.72 -5.32
CA TYR A 383 11.79 13.38 -4.75
C TYR A 383 10.53 13.20 -3.93
N LEU A 384 10.23 11.95 -3.60
CA LEU A 384 9.03 11.63 -2.85
C LEU A 384 9.30 11.50 -1.38
N THR A 385 8.51 12.17 -0.55
CA THR A 385 8.68 12.06 0.88
C THR A 385 7.31 11.94 1.49
N ARG A 386 7.28 11.89 2.81
CA ARG A 386 6.08 11.90 3.61
C ARG A 386 6.37 12.31 5.03
N ASP A 387 5.32 12.65 5.78
CA ASP A 387 5.43 12.86 7.19
C ASP A 387 6.01 11.59 7.83
N PRO A 388 7.05 11.72 8.64
CA PRO A 388 7.76 10.54 9.16
C PRO A 388 7.19 9.91 10.41
N THR A 389 6.11 10.45 10.95
CA THR A 389 5.57 10.02 12.23
C THR A 389 5.23 8.53 12.25
N THR A 390 4.44 8.07 11.30
CA THR A 390 4.03 6.65 11.28
C THR A 390 5.22 5.72 11.04
N PRO A 391 6.04 6.01 10.05
CA PRO A 391 7.29 5.23 9.88
C PRO A 391 8.14 5.16 11.14
N LEU A 392 8.27 6.24 11.91
CA LEU A 392 9.13 6.22 13.10
C LEU A 392 8.46 5.45 14.24
N ALA A 393 7.16 5.62 14.40
CA ALA A 393 6.42 4.89 15.41
C ALA A 393 6.51 3.39 15.17
N ARG A 394 6.35 2.98 13.94
CA ARG A 394 6.43 1.59 13.58
C ARG A 394 7.86 1.06 13.73
N ALA A 395 8.83 1.90 13.41
CA ALA A 395 10.24 1.46 13.54
C ALA A 395 10.55 1.23 15.02
N ALA A 396 10.02 2.06 15.93
CA ALA A 396 10.21 1.86 17.35
C ALA A 396 9.58 0.53 17.82
N TRP A 397 8.36 0.26 17.34
CA TRP A 397 7.64 -0.97 17.70
C TRP A 397 8.42 -2.19 17.23
N GLU A 398 8.90 -2.14 15.98
CA GLU A 398 9.61 -3.23 15.33
C GLU A 398 11.01 -3.46 15.93
N THR A 399 11.56 -2.42 16.56
CA THR A 399 12.78 -2.53 17.37
C THR A 399 12.52 -3.33 18.67
N ALA A 400 11.39 -3.07 19.30
CA ALA A 400 11.03 -3.67 20.59
C ALA A 400 10.43 -5.08 20.43
N ARG A 401 9.80 -5.34 19.29
CA ARG A 401 8.98 -6.54 19.11
C ARG A 401 9.19 -7.14 17.72
N HIS A 402 9.36 -8.46 17.67
CA HIS A 402 9.54 -9.18 16.42
C HIS A 402 8.21 -9.13 15.65
N THR A 403 8.24 -8.82 14.36
CA THR A 403 7.02 -8.69 13.57
C THR A 403 7.18 -9.43 12.25
N PRO A 404 6.07 -9.95 11.73
CA PRO A 404 6.10 -10.75 10.48
C PRO A 404 6.68 -9.95 9.32
N VAL A 405 6.10 -8.79 9.08
CA VAL A 405 6.54 -7.91 8.01
C VAL A 405 7.04 -6.72 8.75
N ASN A 406 8.27 -6.33 8.46
CA ASN A 406 8.67 -5.07 8.97
C ASN A 406 8.22 -4.05 7.94
N SER A 407 8.15 -2.84 8.42
CA SER A 407 7.87 -1.67 7.61
C SER A 407 9.13 -0.83 7.46
N TRP A 408 10.07 -0.94 8.40
CA TRP A 408 11.23 -0.05 8.34
C TRP A 408 12.07 -0.30 7.11
N LEU A 409 12.20 -1.57 6.68
CA LEU A 409 13.03 -1.86 5.52
C LEU A 409 12.37 -1.40 4.23
N GLY A 410 11.07 -1.65 4.11
CA GLY A 410 10.32 -1.10 2.98
C GLY A 410 10.41 0.43 2.94
N ASN A 411 10.34 1.08 4.10
CA ASN A 411 10.44 2.56 4.21
C ASN A 411 11.79 3.08 3.79
N ILE A 412 12.86 2.38 4.20
CA ILE A 412 14.20 2.72 3.70
C ILE A 412 14.29 2.63 2.19
N ILE A 413 13.73 1.56 1.62
CA ILE A 413 13.79 1.36 0.20
C ILE A 413 13.02 2.46 -0.54
N MET A 414 11.76 2.66 -0.16
CA MET A 414 10.91 3.60 -0.90
C MET A 414 11.27 5.07 -0.66
N TYR A 415 11.78 5.38 0.53
CA TYR A 415 12.04 6.77 0.95
C TYR A 415 13.52 7.03 1.15
N ALA A 416 14.33 6.22 0.45
CA ALA A 416 15.79 6.30 0.61
C ALA A 416 16.39 7.70 0.44
N PRO A 417 15.88 8.51 -0.51
CA PRO A 417 16.42 9.86 -0.65
C PRO A 417 15.99 10.86 0.41
N THR A 418 15.03 10.52 1.27
CA THR A 418 14.60 11.43 2.30
C THR A 418 15.61 11.65 3.41
N LEU A 419 15.55 12.84 3.96
CA LEU A 419 16.41 13.15 5.10
C LEU A 419 16.09 12.30 6.32
N TRP A 420 14.83 11.95 6.56
CA TRP A 420 14.49 11.20 7.78
C TRP A 420 14.86 9.72 7.65
N ALA A 421 14.75 9.15 6.47
CA ALA A 421 15.11 7.71 6.30
C ALA A 421 16.62 7.55 6.38
N ARG A 422 17.33 8.56 5.90
CA ARG A 422 18.80 8.53 5.90
C ARG A 422 19.35 8.83 7.27
N MET A 423 18.87 9.91 7.89
CA MET A 423 19.33 10.33 9.18
C MET A 423 19.00 9.35 10.28
N ILE A 424 17.76 8.84 10.26
CA ILE A 424 17.25 8.09 11.42
C ILE A 424 17.14 6.61 11.10
N LEU A 425 16.38 6.22 10.06
CA LEU A 425 16.08 4.79 9.85
C LEU A 425 17.37 4.00 9.50
N MET A 426 18.16 4.50 8.57
CA MET A 426 19.41 3.81 8.21
C MET A 426 20.35 3.72 9.43
N THR A 427 20.56 4.83 10.12
CA THR A 427 21.45 4.88 11.28
C THR A 427 21.01 3.90 12.41
N HIS A 428 19.74 3.95 12.72
CA HIS A 428 19.20 3.14 13.80
C HIS A 428 19.30 1.67 13.46
N PHE A 429 18.81 1.28 12.30
CA PHE A 429 18.72 -0.14 12.01
C PHE A 429 20.08 -0.76 11.68
N PHE A 430 20.97 -0.03 11.00
CA PHE A 430 22.34 -0.58 10.86
C PHE A 430 23.08 -0.71 12.19
N SER A 431 22.82 0.18 13.16
CA SER A 431 23.43 0.05 14.48
C SER A 431 22.93 -1.25 15.18
N ILE A 432 21.64 -1.51 15.06
CA ILE A 432 21.03 -2.74 15.60
C ILE A 432 21.58 -4.00 14.89
N LEU A 433 21.60 -3.98 13.58
CA LEU A 433 22.05 -5.13 12.81
C LEU A 433 23.55 -5.41 13.10
N LEU A 434 24.34 -4.35 13.26
CA LEU A 434 25.74 -4.53 13.64
C LEU A 434 25.86 -5.22 14.97
N ALA A 435 25.17 -4.69 15.97
CA ALA A 435 25.22 -5.23 17.33
C ALA A 435 24.81 -6.70 17.38
N GLN A 436 23.83 -7.08 16.57
CA GLN A 436 23.28 -8.44 16.59
C GLN A 436 24.00 -9.39 15.63
N GLU A 437 24.94 -8.86 14.84
CA GLU A 437 25.58 -9.55 13.73
C GLU A 437 24.58 -10.20 12.82
N GLN A 438 23.56 -9.42 12.46
CA GLN A 438 22.56 -9.92 11.53
C GLN A 438 22.50 -9.11 10.23
N LEU A 439 23.62 -8.52 9.80
CA LEU A 439 23.58 -7.78 8.55
C LEU A 439 23.23 -8.69 7.39
N GLU A 440 23.64 -9.95 7.49
CA GLU A 440 23.49 -10.91 6.42
C GLU A 440 22.10 -11.57 6.34
N LYS A 441 21.22 -11.34 7.32
CA LYS A 441 19.92 -12.04 7.38
C LYS A 441 18.87 -11.35 6.51
N ALA A 442 18.35 -12.05 5.51
CA ALA A 442 17.24 -11.51 4.70
C ALA A 442 15.99 -11.31 5.58
N LEU A 443 15.26 -10.25 5.28
CA LEU A 443 14.07 -9.83 6.05
C LEU A 443 12.92 -9.65 5.09
N ASP A 444 11.72 -9.89 5.59
CA ASP A 444 10.53 -9.75 4.77
C ASP A 444 10.04 -8.29 4.89
N CYS A 445 9.72 -7.70 3.76
CA CYS A 445 9.05 -6.41 3.74
C CYS A 445 8.02 -6.40 2.61
N GLN A 446 7.26 -5.30 2.56
CA GLN A 446 6.15 -5.15 1.63
C GLN A 446 6.39 -3.96 0.70
N ILE A 447 6.16 -4.14 -0.59
CA ILE A 447 6.15 -3.05 -1.55
C ILE A 447 4.86 -3.16 -2.34
N TYR A 448 4.04 -2.12 -2.27
CA TYR A 448 2.71 -2.08 -2.90
C TYR A 448 1.88 -3.31 -2.54
N GLY A 449 2.02 -3.77 -1.29
CA GLY A 449 1.23 -4.87 -0.76
C GLY A 449 1.83 -6.24 -0.93
N ALA A 450 2.75 -6.39 -1.89
CA ALA A 450 3.43 -7.64 -2.13
C ALA A 450 4.57 -7.81 -1.18
N CYS A 451 4.80 -9.04 -0.73
CA CYS A 451 5.90 -9.35 0.17
C CYS A 451 7.18 -9.75 -0.58
N TYR A 452 8.34 -9.31 -0.08
CA TYR A 452 9.67 -9.59 -0.68
C TYR A 452 10.62 -9.91 0.46
N SER A 453 11.59 -10.77 0.17
CA SER A 453 12.67 -11.07 1.09
C SER A 453 13.86 -10.31 0.61
N ILE A 454 14.35 -9.41 1.44
CA ILE A 454 15.44 -8.52 1.06
C ILE A 454 16.58 -8.60 2.06
N GLU A 455 17.76 -8.63 1.51
CA GLU A 455 19.01 -8.58 2.27
C GLU A 455 19.44 -7.12 2.54
N PRO A 456 19.49 -6.71 3.80
CA PRO A 456 19.94 -5.35 4.13
C PRO A 456 21.26 -4.93 3.51
N LEU A 457 22.17 -5.88 3.34
CA LEU A 457 23.43 -5.56 2.72
C LEU A 457 23.32 -5.23 1.26
N ASP A 458 22.23 -5.56 0.58
CA ASP A 458 22.04 -5.19 -0.82
C ASP A 458 21.41 -3.80 -0.97
N LEU A 459 21.16 -3.11 0.14
CA LEU A 459 20.54 -1.79 0.08
C LEU A 459 21.26 -0.73 -0.78
N PRO A 460 22.58 -0.64 -0.78
CA PRO A 460 23.24 0.34 -1.66
C PRO A 460 22.92 0.15 -3.14
N GLN A 461 23.00 -1.07 -3.66
CA GLN A 461 22.67 -1.27 -5.06
C GLN A 461 21.16 -1.18 -5.35
N ILE A 462 20.31 -1.56 -4.39
CA ILE A 462 18.88 -1.38 -4.56
C ILE A 462 18.55 0.11 -4.68
N ILE A 463 19.09 0.90 -3.79
CA ILE A 463 18.81 2.33 -3.79
C ILE A 463 19.35 2.98 -5.06
N GLU A 464 20.57 2.62 -5.46
CA GLU A 464 21.12 3.18 -6.70
C GLU A 464 20.19 2.87 -7.85
N ARG A 465 19.75 1.63 -7.94
CA ARG A 465 18.97 1.21 -9.09
C ARG A 465 17.61 1.91 -9.10
N LEU A 466 17.02 2.02 -7.90
CA LEU A 466 15.70 2.62 -7.73
C LEU A 466 15.62 4.14 -7.85
N HIS A 467 16.57 4.82 -7.25
CA HIS A 467 16.54 6.26 -7.04
C HIS A 467 17.70 7.01 -7.71
N GLY A 468 18.71 6.27 -8.14
CA GLY A 468 19.94 6.86 -8.63
C GLY A 468 20.98 7.15 -7.57
N LEU A 469 22.20 7.34 -8.02
CA LEU A 469 23.30 7.71 -7.12
C LEU A 469 23.06 8.96 -6.28
N SER A 470 22.24 9.91 -6.78
CA SER A 470 22.01 11.14 -6.02
C SER A 470 21.39 10.86 -4.68
N ALA A 471 20.75 9.71 -4.52
CA ALA A 471 20.16 9.37 -3.23
C ALA A 471 21.13 9.34 -2.08
N PHE A 472 22.41 9.10 -2.39
CA PHE A 472 23.45 9.12 -1.38
C PHE A 472 24.12 10.49 -1.19
N SER A 473 23.71 11.48 -1.99
CA SER A 473 24.28 12.83 -1.84
C SER A 473 23.30 14.01 -1.80
N LEU A 474 22.00 13.74 -1.74
CA LEU A 474 21.05 14.84 -1.61
C LEU A 474 21.30 15.66 -0.39
N HIS A 475 21.07 16.96 -0.48
CA HIS A 475 21.27 17.86 0.64
C HIS A 475 20.42 19.10 0.39
N SER A 476 20.46 20.07 1.30
CA SER A 476 19.70 21.31 1.18
C SER A 476 18.23 20.99 0.92
N TYR A 477 17.64 20.31 1.91
CA TYR A 477 16.24 19.93 1.86
C TYR A 477 15.38 21.17 2.12
N SER A 478 14.12 21.13 1.71
CA SER A 478 13.30 22.34 1.80
C SER A 478 13.04 22.71 3.24
N PRO A 479 12.87 24.01 3.55
CA PRO A 479 12.49 24.42 4.88
C PRO A 479 11.25 23.72 5.37
N GLY A 480 10.27 23.49 4.51
CA GLY A 480 9.03 22.89 4.98
C GLY A 480 9.26 21.45 5.45
N GLU A 481 10.14 20.77 4.72
CA GLU A 481 10.46 19.35 4.96
C GLU A 481 11.25 19.25 6.21
N ILE A 482 12.28 20.11 6.36
CA ILE A 482 13.06 20.14 7.56
C ILE A 482 12.21 20.41 8.76
N ASN A 483 11.28 21.37 8.66
CA ASN A 483 10.43 21.72 9.77
C ASN A 483 9.46 20.62 10.14
N ARG A 484 8.94 19.94 9.12
CA ARG A 484 8.00 18.86 9.35
C ARG A 484 8.72 17.75 10.15
N VAL A 485 9.94 17.46 9.76
CA VAL A 485 10.71 16.43 10.47
C VAL A 485 11.01 16.84 11.91
N ALA A 486 11.51 18.08 12.11
CA ALA A 486 11.83 18.59 13.41
C ALA A 486 10.62 18.58 14.34
N SER A 487 9.43 18.93 13.83
CA SER A 487 8.22 18.86 14.61
C SER A 487 7.96 17.45 15.08
N CYS A 488 8.11 16.50 14.17
CA CYS A 488 7.89 15.09 14.51
C CYS A 488 8.89 14.63 15.57
N LEU A 489 10.14 15.06 15.45
CA LEU A 489 11.17 14.69 16.43
C LEU A 489 10.86 15.17 17.82
N ARG A 490 10.36 16.42 17.91
CA ARG A 490 9.94 16.98 19.18
C ARG A 490 8.74 16.22 19.78
N LYS A 491 7.78 15.86 18.93
CA LYS A 491 6.55 15.20 19.32
C LYS A 491 6.80 13.80 19.90
N LEU A 492 7.62 13.05 19.19
CA LEU A 492 7.94 11.65 19.53
C LEU A 492 9.13 11.51 20.50
N GLY A 493 9.84 12.60 20.73
CA GLY A 493 11.05 12.58 21.55
C GLY A 493 12.16 11.80 20.91
N VAL A 494 12.38 12.06 19.63
CA VAL A 494 13.51 11.50 18.90
C VAL A 494 14.74 12.42 19.06
N PRO A 495 15.93 11.85 19.18
CA PRO A 495 17.17 12.65 19.20
C PRO A 495 17.37 13.58 18.00
N PRO A 496 18.07 14.69 18.23
CA PRO A 496 18.33 15.68 17.17
C PRO A 496 19.43 15.28 16.17
N LEU A 497 19.51 16.02 15.07
CA LEU A 497 20.48 15.78 14.01
C LEU A 497 21.89 15.51 14.57
N ARG A 498 22.31 16.28 15.56
CA ARG A 498 23.67 16.17 16.10
C ARG A 498 23.96 14.75 16.61
N VAL A 499 22.97 14.18 17.26
CA VAL A 499 23.06 12.82 17.81
C VAL A 499 23.06 11.77 16.70
N TRP A 500 22.16 11.90 15.70
CA TRP A 500 22.15 10.95 14.59
C TRP A 500 23.44 11.02 13.78
N ARG A 501 24.02 12.21 13.59
CA ARG A 501 25.25 12.30 12.81
C ARG A 501 26.39 11.60 13.56
N HIS A 502 26.49 11.82 14.86
CA HIS A 502 27.48 11.14 15.72
C HIS A 502 27.29 9.60 15.65
N ARG A 503 26.04 9.16 15.80
CA ARG A 503 25.72 7.73 15.65
C ARG A 503 26.09 7.18 14.28
N ALA A 504 25.80 7.92 13.23
CA ALA A 504 26.06 7.50 11.89
C ALA A 504 27.56 7.37 11.61
N ARG A 505 28.34 8.29 12.13
CA ARG A 505 29.80 8.23 11.94
C ARG A 505 30.35 6.94 12.54
N SER A 506 29.82 6.59 13.70
CA SER A 506 30.28 5.38 14.41
C SER A 506 29.84 4.12 13.71
N VAL A 507 28.57 4.08 13.28
CA VAL A 507 28.04 2.99 12.49
C VAL A 507 28.85 2.87 11.22
N ARG A 508 29.09 3.98 10.55
CA ARG A 508 29.83 3.95 9.31
C ARG A 508 31.25 3.40 9.53
N ALA A 509 31.94 3.88 10.54
CA ALA A 509 33.34 3.42 10.78
C ALA A 509 33.39 1.90 11.00
N ARG A 510 32.44 1.37 11.78
CA ARG A 510 32.33 -0.07 12.01
C ARG A 510 32.07 -0.87 10.76
N LEU A 511 31.13 -0.40 9.96
CA LEU A 511 30.87 -1.02 8.68
C LEU A 511 32.09 -1.06 7.77
N LEU A 512 32.78 0.05 7.66
CA LEU A 512 33.98 0.13 6.81
C LEU A 512 35.03 -0.86 7.31
N SER A 513 35.14 -0.98 8.62
CA SER A 513 36.17 -1.83 9.26
C SER A 513 35.94 -3.33 8.94
N GLN A 514 34.69 -3.67 8.65
CA GLN A 514 34.30 -5.07 8.37
C GLN A 514 34.56 -5.55 6.96
N GLY A 515 34.78 -4.62 6.04
CA GLY A 515 35.01 -4.92 4.65
C GLY A 515 33.79 -5.46 3.94
N GLY A 516 34.00 -5.90 2.72
CA GLY A 516 32.97 -6.53 1.90
C GLY A 516 31.75 -5.64 1.68
N ARG A 517 30.60 -6.28 1.62
CA ARG A 517 29.31 -5.61 1.42
C ARG A 517 28.96 -4.66 2.57
N ALA A 518 29.32 -5.04 3.80
CA ALA A 518 29.17 -4.17 4.95
C ALA A 518 29.87 -2.81 4.73
N ALA A 519 31.09 -2.85 4.21
CA ALA A 519 31.84 -1.64 3.93
C ALA A 519 31.17 -0.76 2.86
N THR A 520 30.64 -1.38 1.83
CA THR A 520 29.88 -0.65 0.82
C THR A 520 28.65 0.06 1.43
N CYS A 521 27.95 -0.60 2.36
CA CYS A 521 26.87 0.04 3.15
C CYS A 521 27.38 1.28 3.89
N GLY A 522 28.52 1.14 4.56
CA GLY A 522 29.10 2.23 5.28
C GLY A 522 29.41 3.44 4.37
N LYS A 523 30.05 3.15 3.25
CA LYS A 523 30.54 4.17 2.33
C LYS A 523 29.40 4.94 1.69
N TYR A 524 28.41 4.23 1.16
CA TYR A 524 27.33 4.86 0.38
C TYR A 524 26.20 5.38 1.25
N LEU A 525 25.72 4.55 2.19
CA LEU A 525 24.59 4.99 3.01
C LEU A 525 24.90 6.12 3.96
N PHE A 526 26.14 6.23 4.45
CA PHE A 526 26.44 7.18 5.49
C PHE A 526 27.41 8.28 5.10
N ASN A 527 27.66 8.41 3.81
CA ASN A 527 28.55 9.48 3.29
C ASN A 527 28.07 10.86 3.77
N TRP A 528 26.75 11.05 3.90
CA TRP A 528 26.21 12.31 4.42
C TRP A 528 26.73 12.75 5.77
N ALA A 529 27.12 11.79 6.62
CA ALA A 529 27.46 12.08 7.98
C ALA A 529 28.87 12.58 8.16
N VAL A 530 29.76 12.40 7.18
CA VAL A 530 31.17 12.73 7.42
C VAL A 530 31.58 14.10 6.87
N LYS A 531 32.58 14.71 7.52
CA LYS A 531 33.19 16.00 7.11
C LYS A 531 33.81 15.90 5.73
N THR A 532 34.61 14.87 5.50
CA THR A 532 35.25 14.68 4.21
C THR A 532 34.57 13.61 3.38
N LYS A 533 33.63 14.05 2.55
CA LYS A 533 32.82 13.19 1.69
C LYS A 533 33.64 12.33 0.76
N LEU A 534 33.33 11.04 0.63
CA LEU A 534 33.98 10.23 -0.38
C LEU A 534 33.31 10.45 -1.73
N LYS A 535 34.04 10.14 -2.80
CA LYS A 535 33.47 10.19 -4.15
C LYS A 535 32.73 8.89 -4.41
N LEU A 536 31.41 8.96 -4.48
CA LEU A 536 30.62 7.77 -4.71
C LEU A 536 30.44 7.55 -6.20
N THR A 537 30.84 6.36 -6.64
CA THR A 537 30.77 5.96 -8.03
C THR A 537 29.73 4.88 -8.20
N PRO A 538 29.27 4.64 -9.42
CA PRO A 538 28.31 3.58 -9.67
C PRO A 538 28.75 2.22 -9.14
N ILE A 539 27.82 1.55 -8.47
CA ILE A 539 28.06 0.25 -7.90
C ILE A 539 27.84 -0.78 -8.99
N PRO A 540 28.85 -1.60 -9.32
CA PRO A 540 28.69 -2.61 -10.37
C PRO A 540 27.46 -3.53 -10.25
N ALA A 541 27.20 -4.03 -9.05
CA ALA A 541 26.01 -4.86 -8.80
C ALA A 541 24.68 -4.19 -9.20
N ALA A 542 24.61 -2.86 -9.14
CA ALA A 542 23.41 -2.10 -9.51
C ALA A 542 23.03 -2.19 -10.99
N SER A 543 24.00 -2.36 -11.87
CA SER A 543 23.68 -2.36 -13.31
C SER A 543 23.19 -3.74 -13.80
N GLN A 544 23.30 -4.76 -12.95
CA GLN A 544 22.75 -6.07 -13.23
C GLN A 544 21.46 -6.28 -12.44
N LEU A 545 20.92 -5.20 -11.86
CA LEU A 545 19.79 -5.31 -10.95
C LEU A 545 18.46 -5.01 -11.66
N ASP A 546 17.57 -5.99 -11.67
CA ASP A 546 16.24 -5.82 -12.25
C ASP A 546 15.12 -5.72 -11.17
N LEU A 547 14.67 -4.48 -10.94
CA LEU A 547 13.68 -4.17 -9.91
C LEU A 547 12.33 -3.80 -10.51
N SER A 548 12.18 -3.94 -11.82
CA SER A 548 10.95 -3.55 -12.53
C SER A 548 9.71 -4.32 -12.04
N GLY A 549 9.90 -5.58 -11.64
CA GLY A 549 8.81 -6.42 -11.11
C GLY A 549 8.23 -5.93 -9.77
N TRP A 550 8.96 -5.02 -9.12
CA TRP A 550 8.50 -4.38 -7.88
C TRP A 550 7.37 -3.36 -8.07
N PHE A 551 7.29 -2.79 -9.27
CA PHE A 551 6.35 -1.71 -9.57
C PHE A 551 5.55 -2.03 -10.80
N VAL A 552 4.81 -3.12 -10.71
CA VAL A 552 3.95 -3.54 -11.78
C VAL A 552 2.48 -3.22 -11.38
N ALA A 553 2.06 -3.72 -10.22
CA ALA A 553 0.69 -3.65 -9.73
C ALA A 553 0.63 -3.59 -8.20
N GLY A 554 -0.51 -3.19 -7.67
CA GLY A 554 -0.78 -3.28 -6.24
C GLY A 554 -1.37 -4.64 -5.88
N TYR A 555 -1.02 -5.12 -4.69
CA TYR A 555 -1.48 -6.44 -4.18
C TYR A 555 -1.89 -6.39 -2.74
N SER A 556 -2.17 -5.20 -2.21
CA SER A 556 -2.48 -5.09 -0.79
C SER A 556 -3.75 -5.90 -0.49
N GLY A 557 -3.65 -6.73 0.54
CA GLY A 557 -4.70 -7.69 0.88
C GLY A 557 -4.76 -8.96 0.05
N GLY A 558 -3.92 -9.06 -0.97
CA GLY A 558 -3.97 -10.10 -1.96
C GLY A 558 -3.04 -11.32 -1.73
N ASP A 559 -2.34 -11.37 -0.62
CA ASP A 559 -1.59 -12.57 -0.20
C ASP A 559 -0.52 -12.98 -1.23
N ILE A 560 0.25 -12.01 -1.69
CA ILE A 560 1.28 -12.23 -2.72
C ILE A 560 2.68 -12.12 -2.12
N TYR A 561 3.49 -13.11 -2.47
CA TYR A 561 4.91 -13.16 -2.11
C TYR A 561 5.67 -13.34 -3.41
N HIS A 562 6.56 -12.40 -3.74
CA HIS A 562 7.35 -12.49 -4.95
C HIS A 562 8.78 -12.97 -4.65
#